data_3SZT
#
_entry.id   3SZT
#
_cell.length_a   94.862
_cell.length_b   94.862
_cell.length_c   104.953
_cell.angle_alpha   90.00
_cell.angle_beta   90.00
_cell.angle_gamma   120.00
#
_symmetry.space_group_name_H-M   'P 31 2 1'
#
loop_
_entity.id
_entity.type
_entity.pdbx_description
1 polymer 'Quorum-sensing control repressor'
2 non-polymer 'N-3-OXO-DODECANOYL-L-HOMOSERINE LACTONE'
3 non-polymer 'SODIUM ION'
4 water water
#
_entity_poly.entity_id   1
_entity_poly.type   'polypeptide(L)'
_entity_poly.pdbx_seq_one_letter_code
;MHDEREGYLEILSRITTEEEFFSLVLEICGNYGFEFFSFGARAPFPLTAPKYHFLSNYPGEWKSRYISEDYTSIDPIVRH
GLLEYTPLIWNGEDFQENRFFWEEALHHGIRHGWSIPVRGKYGLISMLSLVRSSESIAATEILEKESFLLWITSMLQATF
GDLLAPRIVPESNVRLTARETEMLKWTAVGKTYGEIGLILSIDQRTVKFHIVNAMRKLNSSNKAEATMKAYAIGLLN
;
_entity_poly.pdbx_strand_id   A,B
#
# COMPACT_ATOMS: atom_id res chain seq x y z
N ARG A 5 21.83 14.77 4.59
CA ARG A 5 21.47 13.56 5.39
C ARG A 5 22.58 13.18 6.35
N GLU A 6 23.82 13.43 5.94
CA GLU A 6 25.00 13.06 6.71
C GLU A 6 25.14 11.53 6.80
N GLY A 7 25.13 10.90 5.64
CA GLY A 7 25.36 9.46 5.53
C GLY A 7 24.43 8.54 6.30
N TYR A 8 23.14 8.86 6.35
CA TYR A 8 22.19 7.91 6.93
C TYR A 8 22.16 6.68 6.04
N LEU A 9 22.16 6.90 4.73
CA LEU A 9 22.16 5.82 3.71
C LEU A 9 23.27 4.81 4.00
N GLU A 10 24.46 5.33 4.27
CA GLU A 10 25.61 4.48 4.59
C GLU A 10 25.35 3.73 5.89
N ILE A 11 24.96 4.46 6.93
CA ILE A 11 24.68 3.88 8.23
C ILE A 11 23.59 2.80 8.10
N LEU A 12 22.77 2.94 7.08
CA LEU A 12 21.62 2.05 6.90
C LEU A 12 21.93 0.82 6.05
N SER A 13 22.86 0.95 5.11
CA SER A 13 23.28 -0.20 4.30
C SER A 13 24.09 -1.19 5.17
N ARG A 14 24.65 -0.68 6.26
CA ARG A 14 25.39 -1.48 7.23
C ARG A 14 24.45 -2.37 8.05
N ILE A 15 23.38 -1.76 8.55
CA ILE A 15 22.46 -2.44 9.45
C ILE A 15 22.14 -3.87 9.03
N THR A 16 22.48 -4.83 9.89
CA THR A 16 22.27 -6.24 9.59
C THR A 16 21.56 -6.93 10.74
N THR A 17 21.44 -6.24 11.87
CA THR A 17 20.77 -6.80 13.05
C THR A 17 19.63 -5.90 13.56
N GLU A 18 18.75 -6.49 14.39
CA GLU A 18 17.63 -5.77 15.00
C GLU A 18 18.07 -4.70 15.97
N GLU A 19 19.06 -5.03 16.80
CA GLU A 19 19.58 -4.09 17.79
C GLU A 19 20.24 -2.92 17.05
N GLU A 20 20.86 -3.24 15.91
CA GLU A 20 21.45 -2.21 15.06
C GLU A 20 20.33 -1.31 14.61
N PHE A 21 19.29 -1.92 14.06
CA PHE A 21 18.09 -1.20 13.66
C PHE A 21 17.52 -0.40 14.84
N PHE A 22 17.43 -1.04 15.99
CA PHE A 22 17.00 -0.38 17.22
C PHE A 22 17.78 0.91 17.49
N SER A 23 19.10 0.86 17.49
CA SER A 23 19.88 2.04 17.82
C SER A 23 19.77 3.19 16.78
N LEU A 24 19.73 2.87 15.48
CA LEU A 24 19.49 3.92 14.48
C LEU A 24 18.16 4.67 14.80
N VAL A 25 17.06 3.93 14.96
CA VAL A 25 15.77 4.56 15.28
C VAL A 25 15.90 5.40 16.56
N LEU A 26 16.51 4.83 17.60
CA LEU A 26 16.68 5.53 18.87
C LEU A 26 17.49 6.82 18.74
N GLU A 27 18.58 6.80 17.97
CA GLU A 27 19.36 8.01 17.72
C GLU A 27 18.54 9.06 16.98
N ILE A 28 17.75 8.61 16.01
CA ILE A 28 16.88 9.50 15.25
C ILE A 28 15.84 10.11 16.19
N CYS A 29 15.25 9.26 17.02
CA CYS A 29 14.27 9.73 17.98
C CYS A 29 14.87 10.84 18.84
N GLY A 30 16.07 10.59 19.37
CA GLY A 30 16.78 11.57 20.17
C GLY A 30 17.20 12.79 19.37
N ASN A 31 17.93 12.56 18.28
CA ASN A 31 18.36 13.65 17.40
C ASN A 31 17.23 14.55 16.97
N TYR A 32 16.07 13.96 16.66
CA TYR A 32 14.94 14.74 16.17
C TYR A 32 13.97 15.31 17.21
N GLY A 33 14.38 15.30 18.47
CA GLY A 33 13.68 16.05 19.52
C GLY A 33 12.56 15.35 20.26
N PHE A 34 12.49 14.04 20.13
CA PHE A 34 11.48 13.28 20.83
C PHE A 34 12.08 12.43 21.93
N GLU A 35 11.28 11.55 22.49
CA GLU A 35 11.65 10.91 23.71
C GLU A 35 11.37 9.42 23.60
N PHE A 36 10.25 9.07 22.96
CA PHE A 36 9.93 7.67 22.72
C PHE A 36 9.75 7.47 21.25
N PHE A 37 9.89 6.22 20.81
CA PHE A 37 9.65 5.87 19.43
C PHE A 37 9.09 4.45 19.36
N SER A 38 8.39 4.13 18.26
CA SER A 38 8.14 2.73 17.98
C SER A 38 8.29 2.50 16.50
N PHE A 39 8.61 1.28 16.14
CA PHE A 39 8.68 0.90 14.77
C PHE A 39 8.24 -0.54 14.73
N GLY A 40 7.40 -0.84 13.75
CA GLY A 40 6.90 -2.18 13.59
C GLY A 40 6.37 -2.36 12.18
N ALA A 41 6.06 -3.59 11.86
CA ALA A 41 5.62 -3.90 10.54
C ALA A 41 4.53 -4.91 10.71
N ARG A 42 3.54 -4.88 9.83
CA ARG A 42 2.53 -5.90 9.86
C ARG A 42 2.72 -6.89 8.69
N ALA A 43 2.95 -8.17 9.00
CA ALA A 43 3.04 -9.17 7.94
C ALA A 43 1.62 -9.47 7.55
N PRO A 44 1.40 -9.81 6.27
CA PRO A 44 0.06 -10.14 5.79
C PRO A 44 -0.44 -11.55 6.14
N PHE A 45 0.44 -12.49 6.47
CA PHE A 45 -0.03 -13.84 6.77
C PHE A 45 -0.01 -14.16 8.25
N PRO A 46 -0.96 -14.99 8.70
CA PRO A 46 -2.03 -15.46 7.83
C PRO A 46 -3.12 -14.39 7.72
N LEU A 47 -3.86 -14.43 6.63
CA LEU A 47 -4.88 -13.42 6.38
C LEU A 47 -5.92 -13.37 7.49
N THR A 48 -6.06 -14.49 8.20
CA THR A 48 -7.05 -14.58 9.28
C THR A 48 -6.73 -13.69 10.48
N ALA A 49 -5.45 -13.52 10.76
CA ALA A 49 -4.99 -12.58 11.77
C ALA A 49 -3.51 -12.31 11.50
N PRO A 50 -3.23 -11.19 10.81
CA PRO A 50 -1.84 -10.88 10.50
C PRO A 50 -1.05 -10.61 11.77
N LYS A 51 0.23 -10.94 11.77
CA LYS A 51 1.07 -10.78 12.93
C LYS A 51 1.87 -9.51 12.80
N TYR A 52 2.09 -8.86 13.94
CA TYR A 52 2.85 -7.63 13.99
C TYR A 52 4.22 -7.89 14.58
N HIS A 53 5.20 -7.10 14.14
CA HIS A 53 6.55 -7.19 14.62
C HIS A 53 7.04 -5.78 14.91
N PHE A 54 7.26 -5.49 16.19
CA PHE A 54 7.57 -4.13 16.58
C PHE A 54 8.37 -4.01 17.86
N LEU A 55 9.08 -2.89 17.94
CA LEU A 55 9.85 -2.53 19.11
C LEU A 55 9.58 -1.06 19.45
N SER A 56 9.90 -0.68 20.68
CA SER A 56 9.78 0.69 21.14
C SER A 56 10.63 0.86 22.38
N ASN A 57 10.70 2.08 22.91
CA ASN A 57 11.35 2.31 24.19
C ASN A 57 10.32 2.90 25.11
N TYR A 58 9.06 2.53 24.91
CA TYR A 58 7.99 3.01 25.78
C TYR A 58 8.24 2.52 27.19
N PRO A 59 7.68 3.19 28.20
CA PRO A 59 7.88 2.66 29.55
C PRO A 59 7.47 1.18 29.58
N GLY A 60 8.26 0.38 30.28
CA GLY A 60 8.08 -1.06 30.34
C GLY A 60 6.68 -1.48 30.70
N GLU A 61 6.04 -0.73 31.57
CA GLU A 61 4.69 -1.09 31.97
C GLU A 61 3.65 -0.88 30.84
N TRP A 62 4.03 -0.17 29.78
CA TRP A 62 3.10 0.06 28.69
C TRP A 62 3.37 -0.96 27.61
N LYS A 63 4.66 -1.25 27.41
CA LYS A 63 5.05 -2.31 26.51
C LYS A 63 4.28 -3.54 26.88
N SER A 64 4.34 -3.88 28.15
CA SER A 64 3.65 -5.04 28.67
C SER A 64 2.13 -5.01 28.42
N ARG A 65 1.47 -3.88 28.66
CA ARG A 65 0.02 -3.82 28.39
C ARG A 65 -0.25 -3.86 26.88
N TYR A 66 0.60 -3.19 26.11
CA TYR A 66 0.40 -3.12 24.67
C TYR A 66 0.41 -4.50 24.03
N ILE A 67 1.40 -5.32 24.39
CA ILE A 67 1.48 -6.72 24.01
C ILE A 67 0.36 -7.56 24.67
N SER A 68 0.16 -7.41 25.98
CA SER A 68 -0.84 -8.20 26.70
C SER A 68 -2.22 -8.11 26.09
N GLU A 69 -2.72 -6.89 25.93
CA GLU A 69 -4.07 -6.68 25.46
C GLU A 69 -4.19 -6.67 23.94
N ASP A 70 -3.13 -7.00 23.22
CA ASP A 70 -3.19 -7.07 21.76
C ASP A 70 -3.58 -5.70 21.17
N TYR A 71 -3.00 -4.64 21.69
CA TYR A 71 -3.35 -3.30 21.23
C TYR A 71 -3.06 -2.99 19.75
N THR A 72 -2.27 -3.79 19.05
CA THR A 72 -2.08 -3.52 17.64
C THR A 72 -3.43 -3.50 16.91
N SER A 73 -4.40 -4.23 17.44
CA SER A 73 -5.67 -4.31 16.73
C SER A 73 -6.72 -3.32 17.21
N ILE A 74 -6.32 -2.41 18.10
CA ILE A 74 -7.21 -1.45 18.73
C ILE A 74 -6.65 -0.03 18.52
N ASP A 75 -5.33 0.11 18.67
CA ASP A 75 -4.64 1.37 18.57
C ASP A 75 -5.11 2.18 17.35
N PRO A 76 -5.82 3.28 17.60
CA PRO A 76 -6.29 4.04 16.46
C PRO A 76 -5.18 4.50 15.56
N ILE A 77 -3.97 4.71 16.06
CA ILE A 77 -2.96 5.24 15.18
C ILE A 77 -2.60 4.18 14.17
N VAL A 78 -2.58 2.92 14.61
CA VAL A 78 -2.32 1.81 13.72
C VAL A 78 -3.47 1.66 12.69
N ARG A 79 -4.73 1.74 13.13
CA ARG A 79 -5.88 1.69 12.20
C ARG A 79 -5.75 2.76 11.12
N HIS A 80 -5.39 3.97 11.52
CA HIS A 80 -5.22 5.04 10.54
C HIS A 80 -4.18 4.62 9.52
N GLY A 81 -3.01 4.16 9.99
CA GLY A 81 -1.92 3.73 9.13
C GLY A 81 -2.31 2.64 8.15
N LEU A 82 -3.05 1.63 8.60
CA LEU A 82 -3.54 0.67 7.63
C LEU A 82 -4.57 1.30 6.67
N LEU A 83 -5.59 1.96 7.21
CA LEU A 83 -6.77 2.39 6.43
C LEU A 83 -6.59 3.64 5.57
N GLU A 84 -6.13 4.74 6.17
CA GLU A 84 -5.68 5.88 5.37
C GLU A 84 -4.28 5.47 4.99
N TYR A 85 -3.40 6.37 4.58
CA TYR A 85 -2.04 5.94 4.21
C TYR A 85 -1.00 7.03 4.43
N THR A 86 -1.34 8.02 5.24
CA THR A 86 -0.45 9.18 5.37
C THR A 86 0.01 9.42 6.79
N PRO A 87 1.01 10.29 6.92
CA PRO A 87 1.58 10.70 8.20
C PRO A 87 0.55 11.46 9.01
N LEU A 88 0.66 11.35 10.33
CA LEU A 88 -0.33 11.89 11.19
C LEU A 88 0.31 12.41 12.46
N ILE A 89 -0.06 13.62 12.85
CA ILE A 89 0.40 14.21 14.06
C ILE A 89 -0.76 14.00 15.00
N TRP A 90 -0.50 13.53 16.20
CA TRP A 90 -1.60 13.31 17.12
C TRP A 90 -1.30 13.74 18.54
N ASN A 91 -2.37 13.97 19.29
CA ASN A 91 -2.30 14.34 20.68
C ASN A 91 -3.30 13.51 21.46
N GLY A 92 -2.79 12.55 22.25
CA GLY A 92 -3.63 11.70 23.10
C GLY A 92 -4.71 12.40 23.92
N GLU A 93 -4.53 13.68 24.19
CA GLU A 93 -5.54 14.44 24.94
C GLU A 93 -6.78 14.68 24.10
N ASP A 94 -6.66 14.63 22.78
CA ASP A 94 -7.75 15.12 21.93
C ASP A 94 -8.86 14.09 21.75
N PHE A 95 -8.51 12.80 21.73
CA PHE A 95 -9.45 11.74 21.35
C PHE A 95 -10.66 11.56 22.27
N GLN A 96 -11.85 11.44 21.68
CA GLN A 96 -13.08 11.28 22.45
C GLN A 96 -13.48 9.82 22.79
N GLU A 97 -13.03 8.84 22.00
CA GLU A 97 -13.37 7.43 22.20
C GLU A 97 -12.11 6.67 22.57
N ASN A 98 -12.22 5.41 22.98
CA ASN A 98 -11.08 4.62 23.36
C ASN A 98 -10.31 5.25 24.54
N ARG A 99 -11.02 5.88 25.48
CA ARG A 99 -10.42 6.46 26.67
C ARG A 99 -9.65 5.41 27.52
N PHE A 100 -10.21 4.23 27.67
CA PHE A 100 -9.53 3.17 28.39
C PHE A 100 -8.12 3.05 27.79
N PHE A 101 -8.04 3.13 26.46
CA PHE A 101 -6.74 3.11 25.75
C PHE A 101 -5.94 4.36 25.96
N TRP A 102 -6.54 5.52 25.65
CA TRP A 102 -5.81 6.79 25.74
C TRP A 102 -5.41 7.27 27.15
N GLU A 103 -6.25 7.05 28.15
CA GLU A 103 -5.90 7.47 29.50
C GLU A 103 -4.65 6.74 29.94
N GLU A 104 -4.59 5.45 29.65
CA GLU A 104 -3.46 4.70 30.14
C GLU A 104 -2.20 5.14 29.41
N ALA A 105 -2.31 5.48 28.13
CA ALA A 105 -1.11 5.92 27.43
C ALA A 105 -0.73 7.31 27.94
N LEU A 106 -1.72 8.20 28.12
CA LEU A 106 -1.43 9.53 28.70
C LEU A 106 -0.67 9.39 30.04
N HIS A 107 -1.16 8.50 30.91
CA HIS A 107 -0.50 8.17 32.17
C HIS A 107 1.00 7.86 32.06
N HIS A 108 1.42 7.31 30.93
CA HIS A 108 2.82 6.91 30.79
C HIS A 108 3.61 7.87 29.95
N GLY A 109 3.08 9.07 29.74
CA GLY A 109 3.79 10.08 28.94
C GLY A 109 3.66 9.99 27.41
N ILE A 110 2.80 9.12 26.91
CA ILE A 110 2.66 8.96 25.46
C ILE A 110 1.59 9.91 24.91
N ARG A 111 1.94 11.18 24.75
CA ARG A 111 0.96 12.25 24.50
C ARG A 111 1.02 12.88 23.09
N HIS A 112 2.18 13.38 22.68
CA HIS A 112 2.31 14.01 21.38
C HIS A 112 3.09 13.12 20.44
N GLY A 113 2.47 12.66 19.38
CA GLY A 113 3.11 11.70 18.51
C GLY A 113 3.07 12.11 17.07
N TRP A 114 4.01 11.55 16.30
CA TRP A 114 4.11 11.77 14.88
C TRP A 114 4.28 10.39 14.31
N SER A 115 3.34 9.98 13.46
CA SER A 115 3.41 8.65 12.88
C SER A 115 3.38 8.67 11.37
N ILE A 116 4.26 7.89 10.76
CA ILE A 116 4.40 7.82 9.32
C ILE A 116 4.23 6.40 8.83
N PRO A 117 3.05 6.07 8.31
CA PRO A 117 2.85 4.74 7.74
C PRO A 117 3.46 4.68 6.37
N VAL A 118 3.83 3.49 5.94
CA VAL A 118 4.36 3.29 4.59
C VAL A 118 4.19 1.86 4.12
N ARG A 119 4.05 1.70 2.80
CA ARG A 119 3.94 0.38 2.19
C ARG A 119 5.28 0.02 1.59
N GLY A 120 5.59 -1.28 1.57
CA GLY A 120 6.86 -1.76 1.03
C GLY A 120 6.66 -3.12 0.40
N LYS A 121 7.75 -3.84 0.16
CA LYS A 121 7.67 -5.12 -0.55
C LYS A 121 7.09 -6.24 0.29
N TYR A 122 6.39 -7.16 -0.40
CA TYR A 122 5.86 -8.38 0.20
C TYR A 122 4.60 -8.22 1.02
N GLY A 123 3.89 -7.13 0.78
CA GLY A 123 2.68 -6.87 1.55
C GLY A 123 2.99 -6.36 2.93
N LEU A 124 4.25 -5.99 3.19
CA LEU A 124 4.63 -5.42 4.49
C LEU A 124 4.16 -3.99 4.59
N ILE A 125 3.46 -3.70 5.69
CA ILE A 125 3.03 -2.36 6.00
C ILE A 125 3.72 -1.90 7.27
N SER A 126 4.41 -0.77 7.23
CA SER A 126 5.22 -0.32 8.39
C SER A 126 4.89 1.06 8.92
N MET A 127 5.37 1.34 10.13
CA MET A 127 5.07 2.63 10.74
C MET A 127 6.10 3.08 11.76
N LEU A 128 6.66 4.28 11.55
CA LEU A 128 7.48 4.90 12.55
C LEU A 128 6.64 5.87 13.40
N SER A 129 6.80 5.80 14.71
CA SER A 129 6.20 6.82 15.57
C SER A 129 7.25 7.45 16.48
N LEU A 130 7.23 8.78 16.53
CA LEU A 130 8.05 9.56 17.42
C LEU A 130 7.13 10.25 18.38
N VAL A 131 7.42 10.14 19.67
CA VAL A 131 6.47 10.60 20.65
C VAL A 131 7.18 11.26 21.78
N ARG A 132 6.47 12.22 22.38
CA ARG A 132 7.00 12.86 23.57
C ARG A 132 5.89 13.27 24.51
N SER A 133 6.32 13.56 25.73
CA SER A 133 5.48 13.78 26.86
C SER A 133 4.86 15.17 26.95
N SER A 134 5.60 16.18 26.49
CA SER A 134 5.11 17.57 26.49
C SER A 134 5.65 18.34 25.28
N GLU A 135 5.18 19.56 25.06
CA GLU A 135 5.52 20.33 23.87
C GLU A 135 4.92 19.69 22.62
N SER A 136 3.81 20.25 22.15
CA SER A 136 3.10 19.66 21.02
C SER A 136 3.79 19.89 19.68
N ILE A 137 3.53 19.02 18.71
CA ILE A 137 4.13 19.13 17.39
C ILE A 137 3.37 20.15 16.55
N ALA A 138 4.02 21.28 16.29
CA ALA A 138 3.38 22.43 15.64
C ALA A 138 3.76 22.62 14.18
N ALA A 139 2.97 23.44 13.47
CA ALA A 139 3.15 23.65 12.05
C ALA A 139 4.61 23.82 11.66
N THR A 140 5.34 24.64 12.42
CA THR A 140 6.77 24.90 12.16
C THR A 140 7.66 23.66 12.21
N GLU A 141 7.63 22.95 13.33
CA GLU A 141 8.45 21.75 13.51
C GLU A 141 8.18 20.73 12.40
N ILE A 142 6.95 20.79 11.88
CA ILE A 142 6.54 19.93 10.77
C ILE A 142 7.11 20.48 9.47
N LEU A 143 6.93 21.77 9.25
CA LEU A 143 7.50 22.47 8.10
C LEU A 143 8.95 22.02 7.94
N GLU A 144 9.63 21.85 9.07
CA GLU A 144 11.03 21.50 9.09
C GLU A 144 11.32 20.03 8.82
N LYS A 145 10.90 19.15 9.73
CA LYS A 145 11.32 17.75 9.72
C LYS A 145 10.45 16.79 8.88
N GLU A 146 9.28 17.26 8.46
CA GLU A 146 8.29 16.44 7.72
C GLU A 146 8.88 15.63 6.57
N SER A 147 9.52 16.29 5.62
CA SER A 147 10.02 15.59 4.45
C SER A 147 11.06 14.58 4.87
N PHE A 148 12.05 15.01 5.67
CA PHE A 148 13.09 14.10 6.11
C PHE A 148 12.49 12.86 6.76
N LEU A 149 11.54 13.06 7.66
CA LEU A 149 10.99 11.93 8.38
C LEU A 149 10.32 10.97 7.42
N LEU A 150 9.65 11.51 6.40
CA LEU A 150 8.92 10.66 5.46
C LEU A 150 9.90 9.83 4.64
N TRP A 151 11.08 10.40 4.40
CA TRP A 151 12.14 9.74 3.63
C TRP A 151 12.80 8.66 4.46
N ILE A 152 13.23 9.03 5.66
CA ILE A 152 13.88 8.09 6.56
C ILE A 152 12.99 6.90 6.88
N THR A 153 11.68 7.11 6.85
CA THR A 153 10.76 6.02 7.14
C THR A 153 10.71 5.06 5.96
N SER A 154 10.73 5.60 4.73
CA SER A 154 10.90 4.76 3.55
C SER A 154 12.15 3.90 3.67
N MET A 155 13.25 4.53 4.09
CA MET A 155 14.54 3.84 4.22
C MET A 155 14.49 2.78 5.30
N LEU A 156 14.14 3.21 6.50
CA LEU A 156 14.04 2.32 7.63
C LEU A 156 13.24 1.07 7.29
N GLN A 157 12.17 1.27 6.53
CA GLN A 157 11.24 0.19 6.15
C GLN A 157 11.84 -0.84 5.20
N ALA A 158 12.52 -0.38 4.15
CA ALA A 158 13.17 -1.32 3.24
C ALA A 158 14.13 -2.22 4.05
N THR A 159 14.88 -1.61 4.97
CA THR A 159 15.75 -2.37 5.85
C THR A 159 14.96 -3.39 6.67
N PHE A 160 14.09 -2.90 7.56
CA PHE A 160 13.29 -3.75 8.44
C PHE A 160 12.68 -4.88 7.62
N GLY A 161 12.31 -4.56 6.38
CA GLY A 161 11.76 -5.53 5.42
C GLY A 161 12.73 -6.59 4.92
N ASP A 162 13.90 -6.16 4.44
CA ASP A 162 14.96 -7.08 3.98
C ASP A 162 15.54 -7.83 5.17
N LEU A 163 15.55 -7.16 6.32
CA LEU A 163 16.05 -7.72 7.54
C LEU A 163 15.17 -8.85 8.05
N LEU A 164 13.88 -8.81 7.76
CA LEU A 164 12.98 -9.77 8.39
C LEU A 164 12.01 -10.57 7.51
N ALA A 165 11.72 -10.10 6.29
CA ALA A 165 10.84 -10.86 5.40
C ALA A 165 10.92 -12.38 5.63
N PRO A 166 12.16 -12.93 5.68
CA PRO A 166 12.43 -14.33 6.02
C PRO A 166 11.43 -14.96 7.00
N ARG A 167 11.56 -14.67 8.29
CA ARG A 167 10.63 -15.25 9.26
C ARG A 167 9.27 -14.56 9.27
N ILE A 168 9.24 -13.31 8.83
CA ILE A 168 8.01 -12.51 8.84
C ILE A 168 7.06 -12.90 7.71
N VAL A 169 7.60 -13.02 6.50
CA VAL A 169 6.78 -13.31 5.34
C VAL A 169 7.33 -14.56 4.65
N PRO A 170 7.06 -15.75 5.22
CA PRO A 170 7.67 -17.00 4.77
C PRO A 170 7.60 -17.22 3.25
N GLU A 171 6.41 -17.03 2.67
CA GLU A 171 6.23 -17.28 1.23
C GLU A 171 6.77 -16.15 0.35
N SER A 172 7.46 -15.20 0.97
CA SER A 172 8.04 -14.06 0.26
C SER A 172 9.19 -14.41 -0.70
N ASN A 173 9.76 -15.61 -0.53
CA ASN A 173 10.87 -16.04 -1.38
C ASN A 173 10.35 -16.68 -2.67
N VAL A 174 9.05 -16.93 -2.69
CA VAL A 174 8.38 -17.63 -3.78
C VAL A 174 8.44 -16.94 -5.15
N ARG A 175 8.60 -17.74 -6.19
CA ARG A 175 8.59 -17.26 -7.56
C ARG A 175 7.57 -18.03 -8.33
N LEU A 176 6.83 -17.32 -9.19
CA LEU A 176 5.80 -17.93 -10.02
C LEU A 176 6.10 -17.73 -11.48
N THR A 177 5.85 -18.78 -12.24
CA THR A 177 6.05 -18.79 -13.67
C THR A 177 4.87 -18.04 -14.25
N ALA A 178 5.01 -17.58 -15.48
CA ALA A 178 3.90 -16.93 -16.17
C ALA A 178 2.59 -17.74 -16.11
N ARG A 179 2.64 -19.04 -16.31
CA ARG A 179 1.39 -19.83 -16.30
C ARG A 179 0.81 -19.89 -14.89
N GLU A 180 1.60 -20.28 -13.91
CA GLU A 180 1.05 -20.37 -12.55
C GLU A 180 0.39 -19.04 -12.23
N THR A 181 1.04 -17.97 -12.64
CA THR A 181 0.59 -16.62 -12.30
C THR A 181 -0.73 -16.34 -12.96
N GLU A 182 -0.89 -16.70 -14.24
CA GLU A 182 -2.20 -16.51 -14.85
C GLU A 182 -3.30 -17.43 -14.32
N MET A 183 -2.99 -18.67 -13.98
CA MET A 183 -4.04 -19.53 -13.43
C MET A 183 -4.61 -18.94 -12.15
N LEU A 184 -3.76 -18.29 -11.36
CA LEU A 184 -4.19 -17.72 -10.10
C LEU A 184 -5.04 -16.46 -10.29
N LYS A 185 -4.69 -15.67 -11.29
CA LYS A 185 -5.48 -14.49 -11.58
C LYS A 185 -6.90 -14.88 -11.87
N TRP A 186 -7.08 -15.89 -12.74
CA TRP A 186 -8.42 -16.37 -13.08
C TRP A 186 -9.10 -17.13 -11.94
N THR A 187 -8.31 -17.72 -11.05
CA THR A 187 -8.88 -18.39 -9.90
C THR A 187 -9.37 -17.34 -8.89
N ALA A 188 -8.67 -16.22 -8.80
CA ALA A 188 -9.04 -15.20 -7.80
C ALA A 188 -10.48 -14.77 -8.03
N VAL A 189 -10.83 -14.66 -9.30
CA VAL A 189 -12.12 -14.23 -9.77
C VAL A 189 -13.15 -15.38 -9.85
N GLY A 190 -12.77 -16.54 -9.31
CA GLY A 190 -13.69 -17.65 -9.21
C GLY A 190 -13.89 -18.59 -10.39
N LYS A 191 -13.03 -18.53 -11.40
CA LYS A 191 -13.15 -19.48 -12.52
C LYS A 191 -12.81 -20.88 -12.07
N THR A 192 -13.45 -21.88 -12.65
CA THR A 192 -13.04 -23.27 -12.41
C THR A 192 -11.88 -23.66 -13.36
N TYR A 193 -11.29 -24.82 -13.09
CA TYR A 193 -10.25 -25.35 -13.95
C TYR A 193 -10.74 -25.51 -15.38
N GLY A 194 -11.97 -25.95 -15.55
CA GLY A 194 -12.51 -26.14 -16.89
C GLY A 194 -12.60 -24.80 -17.59
N GLU A 195 -13.17 -23.82 -16.91
CA GLU A 195 -13.33 -22.48 -17.49
C GLU A 195 -11.97 -21.90 -17.85
N ILE A 196 -10.98 -22.05 -16.96
CA ILE A 196 -9.62 -21.54 -17.27
C ILE A 196 -8.97 -22.19 -18.51
N GLY A 197 -9.12 -23.50 -18.67
CA GLY A 197 -8.56 -24.16 -19.85
C GLY A 197 -9.22 -23.65 -21.14
N LEU A 198 -10.54 -23.49 -21.12
CA LEU A 198 -11.23 -22.88 -22.24
C LEU A 198 -10.76 -21.48 -22.50
N ILE A 199 -10.66 -20.70 -21.44
CA ILE A 199 -10.25 -19.33 -21.59
C ILE A 199 -8.83 -19.21 -22.19
N LEU A 200 -7.93 -20.09 -21.79
CA LEU A 200 -6.57 -19.98 -22.26
C LEU A 200 -6.31 -20.94 -23.42
N SER A 201 -7.31 -21.73 -23.81
CA SER A 201 -7.06 -22.75 -24.82
C SER A 201 -5.92 -23.73 -24.42
N ILE A 202 -5.95 -24.20 -23.19
CA ILE A 202 -5.07 -25.29 -22.80
C ILE A 202 -5.94 -26.31 -22.06
N ASP A 203 -5.45 -27.53 -21.97
CA ASP A 203 -6.17 -28.61 -21.31
C ASP A 203 -6.41 -28.33 -19.84
N GLN A 204 -7.57 -28.73 -19.39
CA GLN A 204 -7.85 -28.71 -17.99
C GLN A 204 -6.70 -29.38 -17.14
N ARG A 205 -6.11 -30.48 -17.61
CA ARG A 205 -5.14 -31.22 -16.79
C ARG A 205 -3.90 -30.32 -16.54
N THR A 206 -3.57 -29.49 -17.51
CA THR A 206 -2.44 -28.58 -17.41
C THR A 206 -2.73 -27.38 -16.53
N VAL A 207 -3.93 -26.81 -16.65
CA VAL A 207 -4.38 -25.82 -15.68
C VAL A 207 -4.18 -26.37 -14.25
N LYS A 208 -4.69 -27.57 -14.00
CA LYS A 208 -4.49 -28.24 -12.69
C LYS A 208 -3.01 -28.40 -12.29
N PHE A 209 -2.22 -28.95 -13.20
CA PHE A 209 -0.80 -29.10 -12.99
C PHE A 209 -0.18 -27.83 -12.41
N HIS A 210 -0.47 -26.68 -13.02
CA HIS A 210 0.18 -25.44 -12.58
C HIS A 210 -0.32 -24.87 -11.27
N ILE A 211 -1.61 -25.03 -11.01
CA ILE A 211 -2.17 -24.54 -9.77
C ILE A 211 -1.69 -25.37 -8.61
N VAL A 212 -1.67 -26.69 -8.79
CA VAL A 212 -1.12 -27.60 -7.77
C VAL A 212 0.30 -27.18 -7.39
N ASN A 213 1.14 -26.91 -8.38
CA ASN A 213 2.51 -26.41 -8.13
C ASN A 213 2.56 -25.08 -7.45
N ALA A 214 1.63 -24.20 -7.81
CA ALA A 214 1.59 -22.87 -7.22
C ALA A 214 1.15 -23.01 -5.77
N MET A 215 0.29 -23.98 -5.50
CA MET A 215 -0.17 -24.24 -4.16
C MET A 215 0.98 -24.72 -3.29
N ARG A 216 1.76 -25.66 -3.82
CA ARG A 216 2.89 -26.23 -3.10
C ARG A 216 3.96 -25.18 -2.77
N LYS A 217 4.31 -24.34 -3.75
CA LYS A 217 5.27 -23.28 -3.52
C LYS A 217 4.82 -22.28 -2.46
N LEU A 218 3.53 -21.93 -2.47
CA LEU A 218 2.99 -20.92 -1.52
C LEU A 218 2.47 -21.58 -0.27
N ASN A 219 2.83 -22.85 -0.13
CA ASN A 219 2.42 -23.67 0.99
C ASN A 219 0.95 -23.54 1.39
N SER A 220 0.07 -23.70 0.42
CA SER A 220 -1.36 -23.64 0.68
C SER A 220 -1.99 -24.98 0.42
N SER A 221 -2.99 -25.34 1.23
CA SER A 221 -3.75 -26.57 1.02
C SER A 221 -4.95 -26.43 0.06
N ASN A 222 -5.19 -25.22 -0.45
CA ASN A 222 -6.26 -25.03 -1.40
C ASN A 222 -6.00 -23.84 -2.32
N LYS A 223 -6.50 -23.93 -3.54
CA LYS A 223 -6.19 -22.92 -4.55
C LYS A 223 -6.68 -21.52 -4.15
N ALA A 224 -7.75 -21.46 -3.36
CA ALA A 224 -8.27 -20.18 -2.88
C ALA A 224 -7.29 -19.51 -1.91
N GLU A 225 -6.78 -20.28 -0.94
CA GLU A 225 -5.76 -19.75 -0.07
C GLU A 225 -4.58 -19.27 -0.89
N ALA A 226 -4.09 -20.13 -1.79
CA ALA A 226 -2.90 -19.79 -2.59
C ALA A 226 -3.09 -18.49 -3.34
N THR A 227 -4.23 -18.36 -4.00
CA THR A 227 -4.56 -17.18 -4.76
C THR A 227 -4.47 -15.92 -3.91
N MET A 228 -5.15 -15.92 -2.77
CA MET A 228 -5.11 -14.76 -1.89
C MET A 228 -3.71 -14.51 -1.36
N LYS A 229 -3.00 -15.55 -0.93
CA LYS A 229 -1.62 -15.35 -0.47
C LYS A 229 -0.79 -14.74 -1.58
N ALA A 230 -1.01 -15.22 -2.81
CA ALA A 230 -0.23 -14.72 -3.94
C ALA A 230 -0.56 -13.26 -4.13
N TYR A 231 -1.84 -12.92 -4.01
CA TYR A 231 -2.26 -11.55 -4.19
C TYR A 231 -1.55 -10.60 -3.21
N ALA A 232 -1.60 -10.95 -1.93
CA ALA A 232 -1.09 -10.09 -0.86
C ALA A 232 0.39 -9.77 -1.03
N ILE A 233 1.15 -10.70 -1.61
CA ILE A 233 2.59 -10.61 -1.79
C ILE A 233 3.00 -9.79 -3.01
N GLY A 234 2.01 -9.36 -3.79
CA GLY A 234 2.30 -8.62 -5.01
C GLY A 234 2.59 -9.52 -6.21
N LEU A 235 2.46 -10.84 -6.02
CA LEU A 235 2.75 -11.83 -7.09
C LEU A 235 1.79 -11.72 -8.27
N LEU A 236 0.54 -11.38 -7.99
CA LEU A 236 -0.42 -11.18 -9.05
C LEU A 236 -0.22 -9.73 -9.42
N ASN A 237 -1.13 -9.17 -10.22
CA ASN A 237 -0.98 -7.78 -10.65
C ASN A 237 0.47 -7.39 -10.95
N GLU B 6 5.42 26.34 3.53
CA GLU B 6 4.59 25.60 2.52
C GLU B 6 3.20 26.19 2.38
N GLY B 7 2.37 25.52 1.59
CA GLY B 7 1.01 25.95 1.34
C GLY B 7 0.40 25.13 0.21
N TYR B 8 0.18 23.86 0.49
CA TYR B 8 -0.41 22.94 -0.49
C TYR B 8 -1.59 22.19 0.10
N LEU B 9 -1.46 21.76 1.35
CA LEU B 9 -2.56 21.12 2.05
C LEU B 9 -3.77 22.05 2.10
N GLU B 10 -3.49 23.36 2.05
CA GLU B 10 -4.52 24.39 2.01
C GLU B 10 -5.19 24.45 0.64
N ILE B 11 -4.41 24.24 -0.42
CA ILE B 11 -4.94 24.23 -1.78
C ILE B 11 -5.76 22.96 -2.03
N LEU B 12 -5.25 21.84 -1.49
CA LEU B 12 -5.88 20.54 -1.66
C LEU B 12 -7.21 20.46 -0.91
N SER B 13 -7.20 20.83 0.37
CA SER B 13 -8.41 20.81 1.18
C SER B 13 -9.51 21.68 0.57
N ARG B 14 -9.16 22.41 -0.48
CA ARG B 14 -10.09 23.27 -1.22
C ARG B 14 -10.44 22.68 -2.58
N ILE B 15 -9.45 22.08 -3.24
CA ILE B 15 -9.62 21.41 -4.53
C ILE B 15 -10.69 20.33 -4.44
N THR B 16 -11.63 20.34 -5.38
CA THR B 16 -12.72 19.36 -5.36
C THR B 16 -13.08 18.79 -6.75
N THR B 17 -12.29 19.13 -7.77
CA THR B 17 -12.56 18.66 -9.13
C THR B 17 -11.30 18.18 -9.89
N GLU B 18 -11.51 17.56 -11.05
CA GLU B 18 -10.42 17.05 -11.89
C GLU B 18 -9.50 18.15 -12.42
N GLU B 19 -10.11 19.22 -12.94
CA GLU B 19 -9.35 20.31 -13.52
C GLU B 19 -8.53 21.02 -12.45
N GLU B 20 -9.14 21.22 -11.27
CA GLU B 20 -8.44 21.85 -10.16
C GLU B 20 -7.19 21.03 -9.79
N PHE B 21 -7.30 19.71 -9.92
CA PHE B 21 -6.16 18.82 -9.74
C PHE B 21 -5.26 18.92 -10.98
N PHE B 22 -5.88 18.90 -12.15
CA PHE B 22 -5.16 19.02 -13.41
C PHE B 22 -4.25 20.26 -13.43
N SER B 23 -4.77 21.39 -12.98
CA SER B 23 -4.00 22.62 -13.00
C SER B 23 -3.13 22.84 -11.75
N LEU B 24 -3.49 22.16 -10.65
CA LEU B 24 -2.67 22.25 -9.42
C LEU B 24 -1.36 21.50 -9.60
N VAL B 25 -1.33 20.58 -10.56
CA VAL B 25 -0.12 19.82 -10.86
C VAL B 25 0.62 20.47 -12.02
N LEU B 26 -0.13 21.16 -12.87
CA LEU B 26 0.45 21.85 -14.01
C LEU B 26 1.29 23.03 -13.54
N GLU B 27 0.94 23.59 -12.39
CA GLU B 27 1.71 24.66 -11.78
C GLU B 27 2.97 24.10 -11.11
N ILE B 28 2.80 23.05 -10.32
CA ILE B 28 3.93 22.38 -9.66
C ILE B 28 4.91 21.85 -10.71
N CYS B 29 4.34 21.42 -11.82
CA CYS B 29 5.14 20.96 -12.95
C CYS B 29 6.15 22.06 -13.28
N GLY B 30 5.62 23.25 -13.58
CA GLY B 30 6.43 24.40 -13.94
C GLY B 30 7.29 24.99 -12.84
N ASN B 31 6.69 25.19 -11.66
CA ASN B 31 7.40 25.79 -10.51
C ASN B 31 8.63 25.01 -10.03
N TYR B 32 8.93 23.92 -10.73
CA TYR B 32 10.09 23.10 -10.41
C TYR B 32 10.81 22.68 -11.68
N GLY B 33 10.63 23.49 -12.72
CA GLY B 33 11.28 23.25 -14.01
C GLY B 33 10.81 22.02 -14.73
N PHE B 34 9.51 21.96 -15.04
CA PHE B 34 8.96 20.87 -15.84
C PHE B 34 7.81 21.33 -16.74
N GLU B 35 7.62 20.62 -17.84
CA GLU B 35 6.61 20.98 -18.81
C GLU B 35 5.57 19.86 -18.92
N PHE B 36 6.05 18.62 -18.92
CA PHE B 36 5.20 17.44 -18.97
C PHE B 36 4.91 16.93 -17.56
N PHE B 37 3.67 16.55 -17.31
CA PHE B 37 3.33 15.85 -16.06
C PHE B 37 2.35 14.72 -16.36
N SER B 38 2.47 13.64 -15.59
CA SER B 38 1.68 12.44 -15.81
C SER B 38 1.37 11.79 -14.47
N PHE B 39 0.15 11.97 -14.00
CA PHE B 39 -0.29 11.32 -12.78
C PHE B 39 -1.19 10.16 -13.15
N GLY B 40 -0.71 8.95 -12.88
CA GLY B 40 -1.45 7.74 -13.21
C GLY B 40 -1.90 6.95 -11.99
N ALA B 41 -2.90 6.09 -12.19
CA ALA B 41 -3.44 5.27 -11.11
C ALA B 41 -4.02 3.96 -11.64
N ARG B 42 -3.49 2.85 -11.16
CA ARG B 42 -3.98 1.56 -11.57
C ARG B 42 -4.92 1.04 -10.51
N ALA B 43 -6.15 0.73 -10.93
CA ALA B 43 -7.13 0.14 -10.04
C ALA B 43 -6.73 -1.29 -9.75
N PRO B 44 -7.23 -1.86 -8.66
CA PRO B 44 -6.98 -3.27 -8.46
C PRO B 44 -7.94 -4.17 -9.26
N PHE B 45 -9.03 -3.63 -9.82
CA PHE B 45 -10.03 -4.46 -10.49
C PHE B 45 -10.25 -4.13 -11.97
N PRO B 46 -10.39 -5.17 -12.81
CA PRO B 46 -10.31 -6.59 -12.44
C PRO B 46 -8.88 -7.08 -12.46
N LEU B 47 -8.63 -8.24 -11.87
CA LEU B 47 -7.26 -8.74 -11.72
C LEU B 47 -6.60 -9.08 -13.05
N THR B 48 -7.39 -9.52 -14.03
CA THR B 48 -6.87 -10.05 -15.28
C THR B 48 -6.50 -8.98 -16.28
N ALA B 49 -6.93 -7.75 -16.01
CA ALA B 49 -6.62 -6.63 -16.87
C ALA B 49 -7.00 -5.37 -16.12
N PRO B 50 -6.20 -5.00 -15.11
CA PRO B 50 -6.58 -3.86 -14.26
C PRO B 50 -6.61 -2.59 -15.11
N LYS B 51 -7.50 -1.66 -14.80
CA LYS B 51 -7.67 -0.49 -15.64
C LYS B 51 -7.04 0.78 -15.09
N TYR B 52 -6.10 1.33 -15.85
CA TYR B 52 -5.40 2.54 -15.46
C TYR B 52 -6.24 3.78 -15.75
N HIS B 53 -5.92 4.88 -15.09
CA HIS B 53 -6.59 6.15 -15.29
C HIS B 53 -5.55 7.23 -15.06
N PHE B 54 -5.34 8.09 -16.05
CA PHE B 54 -4.26 9.07 -15.98
C PHE B 54 -4.46 10.34 -16.81
N LEU B 55 -4.40 11.48 -16.14
CA LEU B 55 -4.43 12.76 -16.83
C LEU B 55 -3.00 13.27 -17.02
N SER B 56 -2.80 14.09 -18.04
CA SER B 56 -1.47 14.61 -18.34
C SER B 56 -1.51 15.91 -19.15
N ASN B 57 -0.52 16.08 -20.02
CA ASN B 57 -0.43 17.22 -20.94
C ASN B 57 0.51 16.88 -22.09
N TYR B 58 0.81 15.59 -22.23
CA TYR B 58 1.63 15.08 -23.33
C TYR B 58 1.07 15.53 -24.68
N PRO B 59 1.88 15.47 -25.74
CA PRO B 59 1.33 15.84 -27.04
C PRO B 59 0.06 15.07 -27.33
N GLY B 60 -0.94 15.75 -27.88
CA GLY B 60 -2.22 15.11 -28.22
C GLY B 60 -2.02 13.85 -29.05
N GLU B 61 -1.12 13.95 -30.02
CA GLU B 61 -0.79 12.83 -30.90
C GLU B 61 -0.20 11.67 -30.11
N TRP B 62 0.54 11.98 -29.04
CA TRP B 62 1.14 10.93 -28.22
C TRP B 62 0.12 10.28 -27.28
N LYS B 63 -0.74 11.09 -26.68
CA LYS B 63 -1.81 10.57 -25.83
C LYS B 63 -2.54 9.46 -26.56
N SER B 64 -3.08 9.80 -27.74
CA SER B 64 -3.92 8.89 -28.52
C SER B 64 -3.22 7.60 -28.96
N ARG B 65 -1.97 7.71 -29.41
CA ARG B 65 -1.26 6.53 -29.88
C ARG B 65 -0.82 5.62 -28.74
N TYR B 66 -0.55 6.23 -27.58
CA TYR B 66 -0.18 5.48 -26.38
C TYR B 66 -1.30 4.52 -26.01
N ILE B 67 -2.53 5.01 -26.13
CA ILE B 67 -3.72 4.22 -25.89
C ILE B 67 -3.86 3.19 -27.00
N SER B 68 -3.83 3.67 -28.23
CA SER B 68 -4.00 2.84 -29.42
C SER B 68 -3.40 1.45 -29.25
N GLU B 69 -2.10 1.41 -28.97
CA GLU B 69 -1.37 0.15 -28.90
C GLU B 69 -1.34 -0.46 -27.50
N ASP B 70 -2.08 0.14 -26.56
CA ASP B 70 -2.13 -0.34 -25.19
C ASP B 70 -0.72 -0.51 -24.65
N TYR B 71 0.01 0.60 -24.58
CA TYR B 71 1.41 0.59 -24.12
C TYR B 71 1.57 0.36 -22.63
N THR B 72 0.51 0.62 -21.86
CA THR B 72 0.56 0.43 -20.42
C THR B 72 1.12 -0.96 -20.10
N SER B 73 0.81 -1.93 -20.96
CA SER B 73 1.22 -3.33 -20.75
C SER B 73 2.68 -3.62 -21.13
N ILE B 74 3.41 -2.62 -21.62
CA ILE B 74 4.83 -2.79 -21.96
C ILE B 74 5.73 -1.67 -21.38
N ASP B 75 5.16 -0.48 -21.14
CA ASP B 75 5.89 0.69 -20.60
C ASP B 75 6.68 0.44 -19.30
N PRO B 76 8.02 0.56 -19.37
CA PRO B 76 8.91 0.26 -18.26
C PRO B 76 8.74 1.24 -17.11
N ILE B 77 8.40 2.48 -17.45
CA ILE B 77 8.15 3.52 -16.46
C ILE B 77 6.94 3.06 -15.63
N VAL B 78 6.05 2.31 -16.27
CA VAL B 78 4.85 1.82 -15.60
C VAL B 78 5.07 0.51 -14.86
N ARG B 79 5.82 -0.41 -15.45
CA ARG B 79 6.07 -1.70 -14.80
C ARG B 79 6.75 -1.46 -13.46
N HIS B 80 7.64 -0.48 -13.44
CA HIS B 80 8.34 -0.13 -12.21
C HIS B 80 7.35 0.27 -11.13
N GLY B 81 6.38 1.10 -11.53
CA GLY B 81 5.36 1.56 -10.62
C GLY B 81 4.50 0.44 -10.05
N LEU B 82 4.78 -0.80 -10.45
CA LEU B 82 4.00 -1.91 -9.92
C LEU B 82 4.81 -2.85 -9.03
N LEU B 83 6.11 -2.91 -9.26
CA LEU B 83 6.95 -3.84 -8.52
C LEU B 83 7.81 -3.17 -7.46
N GLU B 84 8.13 -1.90 -7.70
CA GLU B 84 9.06 -1.18 -6.85
C GLU B 84 8.39 -0.01 -6.14
N TYR B 85 8.89 0.31 -4.95
CA TYR B 85 8.33 1.41 -4.16
C TYR B 85 9.27 2.62 -4.06
N THR B 86 10.34 2.58 -4.86
CA THR B 86 11.32 3.66 -4.94
C THR B 86 11.12 4.52 -6.20
N PRO B 87 11.43 5.82 -6.11
CA PRO B 87 11.25 6.71 -7.26
C PRO B 87 12.25 6.36 -8.36
N LEU B 88 12.00 6.87 -9.56
CA LEU B 88 12.84 6.52 -10.71
C LEU B 88 13.14 7.68 -11.65
N ILE B 89 14.39 8.15 -11.62
CA ILE B 89 14.85 9.15 -12.57
C ILE B 89 15.23 8.46 -13.89
N TRP B 90 14.57 8.84 -14.98
CA TRP B 90 14.84 8.24 -16.30
C TRP B 90 15.15 9.25 -17.41
N ARG B 99 13.50 -1.79 -29.09
CA ARG B 99 12.15 -1.26 -28.89
C ARG B 99 11.90 0.03 -29.68
N PHE B 100 11.01 -0.06 -30.66
CA PHE B 100 10.60 1.12 -31.41
C PHE B 100 9.71 1.99 -30.53
N PHE B 101 9.16 1.37 -29.49
CA PHE B 101 8.29 2.06 -28.54
C PHE B 101 8.96 3.29 -27.92
N TRP B 102 10.19 3.10 -27.44
CA TRP B 102 10.93 4.21 -26.86
C TRP B 102 11.22 5.28 -27.90
N GLU B 103 11.57 4.85 -29.11
CA GLU B 103 11.85 5.74 -30.22
C GLU B 103 10.63 6.58 -30.56
N GLU B 104 9.47 5.92 -30.63
CA GLU B 104 8.20 6.58 -30.92
C GLU B 104 7.89 7.69 -29.91
N ALA B 105 8.40 7.54 -28.69
CA ALA B 105 8.18 8.52 -27.62
C ALA B 105 9.16 9.70 -27.69
N LEU B 106 10.45 9.39 -27.65
CA LEU B 106 11.52 10.39 -27.73
C LEU B 106 11.18 11.59 -28.60
N HIS B 107 10.73 11.31 -29.82
CA HIS B 107 10.48 12.36 -30.81
C HIS B 107 9.21 13.17 -30.52
N HIS B 108 8.75 13.09 -29.26
CA HIS B 108 7.56 13.82 -28.82
C HIS B 108 7.85 14.77 -27.65
N GLY B 109 9.06 14.67 -27.09
CA GLY B 109 9.45 15.51 -25.97
C GLY B 109 9.41 14.80 -24.63
N ILE B 110 9.47 13.47 -24.66
CA ILE B 110 9.41 12.65 -23.45
C ILE B 110 10.63 11.73 -23.36
N ARG B 111 11.71 12.26 -22.79
CA ARG B 111 12.98 11.55 -22.67
C ARG B 111 13.69 11.85 -21.35
N HIS B 112 13.28 12.95 -20.70
CA HIS B 112 13.87 13.38 -19.44
C HIS B 112 12.77 13.63 -18.40
N GLY B 113 12.64 12.75 -17.40
CA GLY B 113 11.59 12.89 -16.38
C GLY B 113 11.73 12.04 -15.12
N TRP B 114 11.07 12.46 -14.04
CA TRP B 114 11.13 11.73 -12.76
C TRP B 114 9.78 11.09 -12.38
N SER B 115 9.77 9.78 -12.25
CA SER B 115 8.54 9.09 -11.86
C SER B 115 8.54 8.68 -10.38
N ILE B 116 7.45 8.97 -9.69
CA ILE B 116 7.33 8.67 -8.25
C ILE B 116 6.12 7.78 -7.96
N PRO B 117 6.37 6.53 -7.57
CA PRO B 117 5.32 5.57 -7.27
C PRO B 117 4.91 5.53 -5.79
N VAL B 118 3.63 5.72 -5.53
CA VAL B 118 3.11 5.67 -4.18
C VAL B 118 1.90 4.77 -4.12
N ARG B 119 1.82 3.92 -3.09
CA ARG B 119 0.64 3.10 -2.88
CA ARG B 119 0.64 3.10 -2.86
C ARG B 119 -0.39 3.92 -2.10
N GLY B 120 -1.67 3.77 -2.44
CA GLY B 120 -2.68 4.57 -1.76
C GLY B 120 -3.90 3.80 -1.30
N LYS B 121 -4.89 4.52 -0.81
CA LYS B 121 -6.11 3.87 -0.33
C LYS B 121 -6.75 2.98 -1.39
N TYR B 122 -7.56 2.04 -0.92
CA TYR B 122 -8.34 1.19 -1.79
C TYR B 122 -7.48 0.30 -2.70
N GLY B 123 -6.21 0.14 -2.35
CA GLY B 123 -5.32 -0.70 -3.14
C GLY B 123 -4.83 -0.03 -4.40
N LEU B 124 -5.22 1.23 -4.61
CA LEU B 124 -4.72 2.02 -5.74
C LEU B 124 -3.21 2.09 -5.73
N ILE B 125 -2.62 1.91 -6.90
CA ILE B 125 -1.20 2.08 -7.06
C ILE B 125 -1.05 3.24 -8.02
N SER B 126 -0.37 4.30 -7.59
CA SER B 126 -0.32 5.51 -8.38
C SER B 126 1.08 5.97 -8.69
N MET B 127 1.19 6.91 -9.62
CA MET B 127 2.51 7.43 -9.98
C MET B 127 2.51 8.87 -10.50
N LEU B 128 3.44 9.68 -9.99
CA LEU B 128 3.64 11.01 -10.51
C LEU B 128 4.90 10.97 -11.35
N SER B 129 4.73 11.16 -12.66
CA SER B 129 5.84 11.08 -13.60
C SER B 129 6.10 12.44 -14.24
N LEU B 130 6.84 13.30 -13.54
CA LEU B 130 7.15 14.63 -14.08
C LEU B 130 8.28 14.60 -15.12
N VAL B 131 7.91 14.76 -16.39
CA VAL B 131 8.87 14.75 -17.50
C VAL B 131 9.14 16.15 -18.08
N ARG B 132 10.27 16.30 -18.75
CA ARG B 132 10.65 17.59 -19.38
C ARG B 132 11.37 17.43 -20.70
N SER B 133 11.37 18.50 -21.50
CA SER B 133 12.05 18.51 -22.78
C SER B 133 13.33 19.35 -22.66
N SER B 134 14.29 18.85 -21.90
CA SER B 134 15.53 19.54 -21.57
C SER B 134 15.31 20.89 -20.88
N SER B 136 18.53 16.51 -17.87
CA SER B 136 18.24 15.16 -17.37
C SER B 136 18.56 15.02 -15.88
N ILE B 137 19.14 13.87 -15.51
CA ILE B 137 19.53 13.56 -14.13
C ILE B 137 20.45 14.63 -13.55
N ALA B 138 20.27 14.94 -12.26
CA ALA B 138 21.15 15.87 -11.56
C ALA B 138 21.17 15.58 -10.07
N ALA B 139 22.20 14.90 -9.60
CA ALA B 139 22.34 14.54 -8.19
C ALA B 139 22.25 15.76 -7.26
N THR B 140 22.49 16.95 -7.83
CA THR B 140 22.40 18.22 -7.09
C THR B 140 21.02 18.85 -7.25
N GLU B 141 20.21 18.26 -8.13
CA GLU B 141 18.83 18.70 -8.35
C GLU B 141 17.89 17.64 -7.79
N ILE B 142 18.33 16.37 -7.87
CA ILE B 142 17.61 15.25 -7.30
C ILE B 142 17.76 15.29 -5.79
N LEU B 143 18.99 15.12 -5.31
CA LEU B 143 19.28 15.22 -3.88
C LEU B 143 18.87 16.59 -3.33
N GLU B 144 18.32 17.45 -4.19
CA GLU B 144 17.86 18.77 -3.79
C GLU B 144 16.33 18.85 -3.67
N LYS B 145 15.63 18.20 -4.59
CA LYS B 145 14.17 18.17 -4.55
C LYS B 145 13.62 16.79 -4.22
N GLU B 146 14.51 15.81 -4.14
CA GLU B 146 14.17 14.41 -3.87
C GLU B 146 13.06 14.28 -2.82
N SER B 147 13.34 14.74 -1.62
CA SER B 147 12.41 14.58 -0.49
C SER B 147 11.11 15.36 -0.65
N PHE B 148 11.13 16.45 -1.41
CA PHE B 148 9.87 17.16 -1.68
C PHE B 148 9.02 16.40 -2.70
N LEU B 149 9.58 16.17 -3.89
CA LEU B 149 8.87 15.47 -4.94
C LEU B 149 8.06 14.32 -4.35
N LEU B 150 8.70 13.53 -3.51
CA LEU B 150 8.04 12.40 -2.86
C LEU B 150 6.88 12.90 -1.97
N TRP B 151 7.14 13.93 -1.18
CA TRP B 151 6.11 14.49 -0.30
C TRP B 151 4.88 14.93 -1.11
N ILE B 152 5.12 15.66 -2.20
CA ILE B 152 4.03 16.18 -3.03
C ILE B 152 3.19 15.04 -3.57
N THR B 153 3.87 14.00 -4.02
CA THR B 153 3.23 12.85 -4.64
C THR B 153 2.23 12.15 -3.73
N SER B 154 2.62 11.91 -2.48
CA SER B 154 1.76 11.26 -1.49
C SER B 154 0.50 12.07 -1.23
N MET B 155 0.64 13.39 -1.18
CA MET B 155 -0.50 14.25 -0.94
C MET B 155 -1.35 14.41 -2.20
N LEU B 156 -0.71 14.25 -3.36
CA LEU B 156 -1.40 14.30 -4.65
C LEU B 156 -2.33 13.10 -4.80
N GLN B 157 -1.74 11.91 -4.63
CA GLN B 157 -2.45 10.66 -4.70
C GLN B 157 -3.59 10.60 -3.69
N ALA B 158 -3.38 11.16 -2.49
CA ALA B 158 -4.43 11.19 -1.48
C ALA B 158 -5.69 11.87 -2.03
N THR B 159 -5.53 13.09 -2.55
CA THR B 159 -6.63 13.81 -3.16
C THR B 159 -7.12 13.12 -4.42
N PHE B 160 -6.20 12.76 -5.29
CA PHE B 160 -6.53 12.11 -6.56
C PHE B 160 -7.42 10.86 -6.39
N GLY B 161 -7.12 10.06 -5.35
CA GLY B 161 -7.91 8.88 -5.05
C GLY B 161 -9.29 9.23 -4.54
N ASP B 162 -9.35 10.25 -3.69
CA ASP B 162 -10.62 10.74 -3.13
C ASP B 162 -11.55 11.22 -4.25
N LEU B 163 -10.94 11.57 -5.38
CA LEU B 163 -11.67 11.99 -6.57
C LEU B 163 -12.05 10.79 -7.43
N LEU B 164 -11.08 9.93 -7.71
CA LEU B 164 -11.30 8.81 -8.60
C LEU B 164 -12.09 7.67 -7.99
N ALA B 165 -11.79 7.34 -6.74
CA ALA B 165 -12.47 6.24 -6.05
C ALA B 165 -13.91 6.10 -6.50
N PRO B 166 -14.69 7.21 -6.49
CA PRO B 166 -16.06 7.19 -6.98
C PRO B 166 -16.24 6.42 -8.28
N ARG B 167 -15.75 6.96 -9.37
CA ARG B 167 -15.90 6.32 -10.68
C ARG B 167 -15.02 5.07 -10.78
N ILE B 168 -13.74 5.23 -10.44
CA ILE B 168 -12.75 4.17 -10.63
C ILE B 168 -12.89 2.93 -9.74
N VAL B 169 -13.05 3.13 -8.43
CA VAL B 169 -13.31 2.02 -7.48
C VAL B 169 -14.68 2.18 -6.84
N PRO B 170 -15.75 1.87 -7.59
CA PRO B 170 -17.08 2.13 -7.05
C PRO B 170 -17.36 1.42 -5.73
N GLU B 171 -16.62 0.36 -5.45
CA GLU B 171 -16.85 -0.40 -4.22
C GLU B 171 -16.23 0.29 -2.99
N SER B 172 -15.51 1.41 -3.21
CA SER B 172 -14.81 2.12 -2.15
C SER B 172 -15.69 2.54 -0.96
N ASN B 173 -16.93 2.90 -1.24
CA ASN B 173 -17.85 3.27 -0.16
C ASN B 173 -18.66 2.07 0.37
N VAL B 174 -18.19 0.86 0.10
CA VAL B 174 -18.82 -0.32 0.67
C VAL B 174 -18.50 -0.42 2.16
N ARG B 175 -19.53 -0.75 2.93
N ARG B 175 -19.50 -0.73 2.97
CA ARG B 175 -19.43 -0.95 4.36
CA ARG B 175 -19.25 -0.90 4.39
C ARG B 175 -19.58 -2.42 4.62
C ARG B 175 -19.64 -2.31 4.75
N LEU B 176 -18.75 -2.97 5.49
CA LEU B 176 -18.91 -4.37 5.80
C LEU B 176 -19.17 -4.62 7.26
N THR B 177 -20.31 -5.23 7.51
CA THR B 177 -20.65 -5.74 8.82
C THR B 177 -19.51 -6.55 9.41
N ALA B 178 -19.48 -6.63 10.74
CA ALA B 178 -18.46 -7.42 11.42
C ALA B 178 -18.49 -8.84 10.89
N ARG B 179 -19.67 -9.44 10.90
CA ARG B 179 -19.91 -10.82 10.49
C ARG B 179 -19.46 -11.14 9.07
N GLU B 180 -19.79 -10.23 8.15
CA GLU B 180 -19.45 -10.39 6.75
C GLU B 180 -17.94 -10.37 6.61
N THR B 181 -17.32 -9.42 7.33
CA THR B 181 -15.86 -9.28 7.34
C THR B 181 -15.28 -10.61 7.80
N GLU B 182 -15.83 -11.17 8.87
CA GLU B 182 -15.28 -12.43 9.33
C GLU B 182 -15.57 -13.61 8.40
N MET B 183 -16.68 -13.57 7.66
CA MET B 183 -16.94 -14.65 6.70
C MET B 183 -15.96 -14.55 5.54
N LEU B 184 -15.74 -13.33 5.05
CA LEU B 184 -14.78 -13.13 3.98
C LEU B 184 -13.36 -13.54 4.36
N LYS B 185 -12.95 -13.29 5.61
CA LYS B 185 -11.60 -13.63 6.01
C LYS B 185 -11.39 -15.14 5.98
N TRP B 186 -12.34 -15.89 6.55
CA TRP B 186 -12.21 -17.34 6.49
C TRP B 186 -12.39 -17.87 5.07
N THR B 187 -13.07 -17.13 4.21
CA THR B 187 -13.14 -17.55 2.83
C THR B 187 -11.82 -17.30 2.10
N ALA B 188 -11.14 -16.20 2.45
CA ALA B 188 -9.82 -15.89 1.87
C ALA B 188 -8.86 -17.04 2.09
N VAL B 189 -9.04 -17.78 3.17
CA VAL B 189 -8.19 -18.90 3.49
C VAL B 189 -8.78 -20.22 2.92
N GLY B 190 -9.83 -20.12 2.09
CA GLY B 190 -10.43 -21.30 1.47
C GLY B 190 -11.27 -22.22 2.36
N LYS B 191 -12.01 -21.67 3.31
CA LYS B 191 -12.86 -22.50 4.13
C LYS B 191 -14.24 -22.66 3.49
N THR B 192 -14.79 -23.86 3.62
CA THR B 192 -16.11 -24.17 3.10
C THR B 192 -17.12 -23.63 4.09
N TYR B 193 -18.37 -23.45 3.66
CA TYR B 193 -19.37 -22.98 4.61
C TYR B 193 -19.37 -23.86 5.87
N GLY B 194 -19.21 -25.16 5.66
CA GLY B 194 -19.23 -26.14 6.75
C GLY B 194 -18.10 -26.02 7.74
N GLU B 195 -16.90 -25.66 7.25
CA GLU B 195 -15.74 -25.57 8.12
C GLU B 195 -15.81 -24.32 9.00
N ILE B 196 -16.35 -23.25 8.43
CA ILE B 196 -16.53 -21.97 9.10
C ILE B 196 -17.47 -22.13 10.29
N GLY B 197 -18.58 -22.84 10.07
CA GLY B 197 -19.55 -23.10 11.15
C GLY B 197 -18.94 -23.79 12.36
N LEU B 198 -18.20 -24.88 12.13
CA LEU B 198 -17.50 -25.58 13.20
C LEU B 198 -16.48 -24.69 13.92
N ILE B 199 -15.87 -23.77 13.19
CA ILE B 199 -14.94 -22.81 13.78
C ILE B 199 -15.69 -21.77 14.63
N LEU B 200 -16.78 -21.21 14.08
CA LEU B 200 -17.53 -20.15 14.75
C LEU B 200 -18.65 -20.63 15.67
N SER B 201 -18.80 -21.94 15.81
CA SER B 201 -19.92 -22.48 16.59
C SER B 201 -21.19 -21.78 16.13
N ILE B 202 -21.45 -21.86 14.84
CA ILE B 202 -22.67 -21.30 14.25
C ILE B 202 -23.16 -22.19 13.12
N ASP B 203 -24.42 -21.99 12.71
CA ASP B 203 -25.06 -22.82 11.70
C ASP B 203 -24.52 -22.50 10.32
N GLN B 204 -24.82 -23.35 9.34
CA GLN B 204 -24.33 -23.17 7.96
C GLN B 204 -25.06 -22.10 7.15
N ARG B 205 -26.38 -22.15 7.12
CA ARG B 205 -27.17 -21.13 6.40
C ARG B 205 -26.77 -19.75 6.90
N THR B 206 -26.22 -19.72 8.11
CA THR B 206 -25.78 -18.50 8.75
C THR B 206 -24.56 -17.95 8.00
N VAL B 207 -23.62 -18.84 7.68
CA VAL B 207 -22.39 -18.47 7.00
C VAL B 207 -22.73 -17.91 5.63
N LYS B 208 -23.54 -18.66 4.89
CA LYS B 208 -23.97 -18.30 3.54
C LYS B 208 -24.70 -16.93 3.50
N PHE B 209 -25.62 -16.74 4.44
CA PHE B 209 -26.37 -15.49 4.62
C PHE B 209 -25.46 -14.26 4.47
N HIS B 210 -24.43 -14.21 5.32
CA HIS B 210 -23.57 -13.05 5.43
C HIS B 210 -22.68 -12.87 4.22
N ILE B 211 -22.17 -13.99 3.74
CA ILE B 211 -21.40 -13.94 2.53
C ILE B 211 -22.29 -13.38 1.42
N VAL B 212 -23.39 -14.06 1.10
CA VAL B 212 -24.31 -13.64 0.03
C VAL B 212 -24.60 -12.12 0.07
N ASN B 213 -24.73 -11.56 1.28
CA ASN B 213 -24.97 -10.12 1.42
C ASN B 213 -23.75 -9.31 0.93
N ALA B 214 -22.55 -9.73 1.35
CA ALA B 214 -21.32 -9.03 0.99
C ALA B 214 -21.06 -9.09 -0.50
N MET B 215 -21.34 -10.26 -1.09
CA MET B 215 -21.21 -10.38 -2.54
C MET B 215 -21.96 -9.23 -3.20
N ARG B 216 -23.23 -9.06 -2.81
CA ARG B 216 -24.05 -8.03 -3.42
C ARG B 216 -23.45 -6.64 -3.26
N LYS B 217 -23.29 -6.16 -2.03
CA LYS B 217 -22.67 -4.85 -1.79
C LYS B 217 -21.43 -4.68 -2.65
N LEU B 218 -20.63 -5.75 -2.75
CA LEU B 218 -19.37 -5.74 -3.49
C LEU B 218 -19.51 -6.07 -4.97
N ASN B 219 -20.75 -6.23 -5.43
CA ASN B 219 -21.01 -6.40 -6.85
C ASN B 219 -20.11 -7.48 -7.44
N SER B 220 -20.17 -8.68 -6.86
CA SER B 220 -19.32 -9.77 -7.32
C SER B 220 -20.16 -10.98 -7.69
N SER B 221 -19.66 -11.78 -8.63
CA SER B 221 -20.35 -12.95 -9.13
C SER B 221 -20.31 -14.09 -8.14
N ASN B 222 -19.28 -14.11 -7.29
CA ASN B 222 -19.05 -15.23 -6.39
C ASN B 222 -18.19 -14.82 -5.19
N LYS B 223 -18.11 -15.70 -4.20
CA LYS B 223 -17.44 -15.38 -2.96
C LYS B 223 -15.93 -15.14 -3.10
N ALA B 224 -15.27 -15.89 -3.98
CA ALA B 224 -13.84 -15.65 -4.20
C ALA B 224 -13.60 -14.27 -4.79
N GLU B 225 -14.35 -13.86 -5.81
CA GLU B 225 -14.19 -12.49 -6.33
C GLU B 225 -14.43 -11.44 -5.24
N ALA B 226 -15.47 -11.68 -4.43
CA ALA B 226 -15.84 -10.80 -3.33
C ALA B 226 -14.69 -10.69 -2.35
N THR B 227 -14.28 -11.83 -1.80
CA THR B 227 -13.14 -11.90 -0.89
C THR B 227 -11.92 -11.12 -1.42
N MET B 228 -11.55 -11.39 -2.67
CA MET B 228 -10.45 -10.69 -3.35
C MET B 228 -10.69 -9.17 -3.43
N LYS B 229 -11.89 -8.77 -3.83
CA LYS B 229 -12.22 -7.34 -3.91
C LYS B 229 -12.19 -6.68 -2.55
N ALA B 230 -12.74 -7.38 -1.55
CA ALA B 230 -12.77 -6.84 -0.21
C ALA B 230 -11.35 -6.69 0.29
N TYR B 231 -10.52 -7.70 0.08
CA TYR B 231 -9.14 -7.62 0.50
C TYR B 231 -8.41 -6.51 -0.24
N ALA B 232 -8.54 -6.48 -1.55
CA ALA B 232 -7.79 -5.55 -2.38
C ALA B 232 -8.02 -4.11 -1.95
N ILE B 233 -9.15 -3.86 -1.29
CA ILE B 233 -9.55 -2.49 -0.93
C ILE B 233 -9.25 -2.13 0.52
N GLY B 234 -8.89 -3.12 1.34
CA GLY B 234 -8.61 -2.85 2.75
C GLY B 234 -9.77 -3.23 3.66
N LEU B 235 -10.90 -3.59 3.08
CA LEU B 235 -12.04 -3.99 3.87
C LEU B 235 -11.77 -5.13 4.90
N LEU B 236 -10.77 -5.97 4.66
CA LEU B 236 -10.48 -7.04 5.62
C LEU B 236 -9.34 -6.70 6.56
N ASN B 237 -8.67 -5.57 6.31
CA ASN B 237 -7.63 -5.07 7.21
C ASN B 237 -8.24 -4.70 8.56
#